data_7UOF
#
_entry.id   7UOF
#
_cell.length_a   111.267
_cell.length_b   111.267
_cell.length_c   101.233
_cell.angle_alpha   90.000
_cell.angle_beta   90.000
_cell.angle_gamma   120.000
#
_symmetry.space_group_name_H-M   'P 32 2 1'
#
loop_
_entity.id
_entity.type
_entity.pdbx_description
1 polymer Dihydroorotase
2 non-polymer 'ZINC ION'
3 water water
#
_entity_poly.entity_id   1
_entity_poly.type   'polypeptide(L)'
_entity_poly.pdbx_seq_one_letter_code
;MLLKNCRIIKDNKIIEGDILIDENGRIKKIAKDIKVDDEIIDIKNSLVIPGVIDAHVHFRWGEEKKEDFLSGSLAGINGG
VCFAIDMPNNKPPITTKELFYKKLEDCKKDSKINVFLNFGVTENNYLGTVEDAKAY(KCX)IFMVKSVGDLFIEDYSKLK
DILNQNKLFCIHAEHKDVINENLKKYQLNSWIDHCKIRDEKSEVEAVKEVIKNLKIIDRQSNKKPHVHFCHISTKEALYL
IKKVRQELKNIKITVEVTPHHIYLNKDMAEELKGFGKFNPPLREKDDNIALIKGIVNKDVDIIASDHAPHLLEDKLKNVK
NCPSGIPGIETIVPLTLNLVNKGLISLFDAIRVLSKNPAKIFNINNKIEEGNLANLTIIDLKKEGKINAELFKSKAKFSP
FDGWEVKGFPIYTVINGTLYEAYGCKC
;
_entity_poly.pdbx_strand_id   A
#
# COMPACT_ATOMS: atom_id res chain seq x y z
N MET A 1 29.97 -3.64 -5.33
CA MET A 1 29.58 -2.31 -5.80
C MET A 1 29.59 -1.28 -4.67
N LEU A 2 30.10 -0.10 -5.00
CA LEU A 2 30.24 0.98 -4.04
C LEU A 2 29.36 2.13 -4.51
N LEU A 3 28.41 2.54 -3.65
CA LEU A 3 27.61 3.74 -3.86
C LEU A 3 28.30 4.87 -3.13
N LYS A 4 28.87 5.83 -3.86
CA LYS A 4 29.55 6.94 -3.19
C LYS A 4 28.66 8.17 -3.09
N ASN A 5 28.94 8.97 -2.05
CA ASN A 5 28.28 10.25 -1.82
C ASN A 5 26.78 10.09 -1.60
N CYS A 6 26.43 9.24 -0.65
CA CYS A 6 25.05 9.06 -0.21
C CYS A 6 24.75 9.94 1.00
N ARG A 7 23.52 10.44 1.07
CA ARG A 7 22.95 10.91 2.33
C ARG A 7 21.95 9.85 2.80
N ILE A 8 22.29 9.19 3.90
CA ILE A 8 21.62 7.96 4.33
C ILE A 8 20.72 8.28 5.51
N ILE A 9 19.50 7.76 5.46
CA ILE A 9 18.59 7.76 6.60
C ILE A 9 18.91 6.52 7.42
N LYS A 10 19.64 6.70 8.52
CA LYS A 10 19.92 5.62 9.46
C LYS A 10 19.52 6.11 10.85
N ASP A 11 18.54 5.44 11.45
CA ASP A 11 17.96 5.81 12.75
C ASP A 11 17.08 7.04 12.59
N ASN A 12 17.43 8.14 13.27
CA ASN A 12 16.64 9.36 13.24
C ASN A 12 17.32 10.49 12.49
N LYS A 13 18.41 10.21 11.77
CA LYS A 13 19.23 11.31 11.25
C LYS A 13 19.74 10.97 9.85
N ILE A 14 20.22 12.01 9.18
CA ILE A 14 20.78 11.97 7.83
C ILE A 14 22.30 12.01 7.97
N ILE A 15 22.99 10.90 7.66
CA ILE A 15 24.45 10.87 7.69
C ILE A 15 24.97 10.81 6.26
N GLU A 16 26.10 11.49 6.01
CA GLU A 16 26.81 11.36 4.76
C GLU A 16 27.73 10.14 4.81
N GLY A 17 27.84 9.43 3.70
CA GLY A 17 28.71 8.27 3.67
C GLY A 17 28.59 7.53 2.36
N ASP A 18 29.43 6.51 2.25
CA ASP A 18 29.38 5.57 1.14
C ASP A 18 28.81 4.25 1.65
N ILE A 19 28.22 3.49 0.73
CA ILE A 19 27.69 2.18 1.04
C ILE A 19 28.37 1.18 0.13
N LEU A 20 29.04 0.21 0.72
CA LEU A 20 29.70 -0.86 -0.01
C LEU A 20 28.83 -2.10 0.09
N ILE A 21 28.48 -2.64 -1.07
CA ILE A 21 27.62 -3.81 -1.17
C ILE A 21 28.47 -4.96 -1.69
N ASP A 22 28.55 -6.05 -0.92
CA ASP A 22 29.33 -7.17 -1.38
C ASP A 22 28.59 -7.89 -2.50
N GLU A 23 29.22 -8.92 -3.05
CA GLU A 23 28.63 -9.53 -4.24
C GLU A 23 27.57 -10.56 -3.90
N ASN A 24 27.25 -10.74 -2.62
CA ASN A 24 26.03 -11.45 -2.23
C ASN A 24 24.86 -10.49 -2.06
N GLY A 25 25.06 -9.19 -2.29
CA GLY A 25 24.00 -8.21 -2.13
C GLY A 25 23.81 -7.71 -0.72
N ARG A 26 24.73 -8.01 0.19
CA ARG A 26 24.63 -7.54 1.56
C ARG A 26 25.47 -6.29 1.72
N ILE A 27 25.02 -5.41 2.61
CA ILE A 27 25.77 -4.21 2.91
C ILE A 27 27.01 -4.62 3.70
N LYS A 28 28.18 -4.31 3.15
CA LYS A 28 29.43 -4.73 3.77
C LYS A 28 30.01 -3.64 4.66
N LYS A 29 29.86 -2.38 4.27
CA LYS A 29 30.46 -1.30 5.05
C LYS A 29 29.71 -0.01 4.76
N ILE A 30 29.49 0.78 5.81
CA ILE A 30 28.93 2.13 5.67
C ILE A 30 29.92 3.07 6.34
N ALA A 31 30.55 3.93 5.55
CA ALA A 31 31.60 4.79 6.09
C ALA A 31 31.84 5.91 5.11
N LYS A 32 32.33 7.03 5.62
CA LYS A 32 32.58 8.17 4.75
C LYS A 32 33.87 7.91 3.96
N ASP A 33 33.88 8.34 2.70
CA ASP A 33 35.03 8.23 1.78
C ASP A 33 35.68 6.83 1.81
N ILE A 34 34.86 5.80 1.55
CA ILE A 34 35.38 4.46 1.38
C ILE A 34 36.22 4.40 0.11
N LYS A 35 37.36 3.74 0.17
CA LYS A 35 38.26 3.63 -0.98
C LYS A 35 38.55 2.15 -1.19
N VAL A 36 37.97 1.59 -2.25
CA VAL A 36 38.08 0.17 -2.55
C VAL A 36 38.20 0.04 -4.08
N ASP A 37 38.78 -1.08 -4.50
CA ASP A 37 38.82 -1.41 -5.93
C ASP A 37 37.52 -2.13 -6.25
N ASP A 38 36.54 -1.38 -6.75
CA ASP A 38 35.24 -1.95 -7.05
C ASP A 38 34.54 -1.06 -8.05
N GLU A 39 33.46 -1.59 -8.62
CA GLU A 39 32.52 -0.76 -9.35
C GLU A 39 32.02 0.38 -8.46
N ILE A 40 32.02 1.60 -8.99
CA ILE A 40 31.65 2.79 -8.22
C ILE A 40 30.53 3.51 -8.96
N ILE A 41 29.45 3.80 -8.23
CA ILE A 41 28.35 4.60 -8.74
C ILE A 41 28.19 5.82 -7.84
N ASP A 42 28.24 7.00 -8.44
CA ASP A 42 28.18 8.26 -7.71
C ASP A 42 26.73 8.66 -7.50
N ILE A 43 26.27 8.62 -6.25
CA ILE A 43 24.89 8.97 -5.89
C ILE A 43 24.70 10.48 -5.78
N LYS A 44 25.79 11.24 -5.76
CA LYS A 44 25.74 12.70 -5.87
C LYS A 44 24.91 13.32 -4.75
N ASN A 45 25.03 12.75 -3.55
CA ASN A 45 24.37 13.23 -2.34
C ASN A 45 22.85 13.14 -2.40
N SER A 46 22.34 12.21 -3.22
CA SER A 46 20.93 11.85 -3.15
C SER A 46 20.64 11.11 -1.85
N LEU A 47 19.37 11.11 -1.45
CA LEU A 47 18.97 10.47 -0.20
C LEU A 47 18.75 8.97 -0.42
N VAL A 48 19.30 8.17 0.49
CA VAL A 48 19.14 6.73 0.49
C VAL A 48 18.28 6.37 1.70
N ILE A 49 17.09 5.82 1.46
CA ILE A 49 16.22 5.47 2.58
C ILE A 49 16.03 3.96 2.55
N PRO A 50 15.70 3.35 3.70
CA PRO A 50 15.42 1.92 3.69
C PRO A 50 14.30 1.63 2.69
N GLY A 51 14.45 0.53 1.96
CA GLY A 51 13.62 0.28 0.80
C GLY A 51 12.13 0.42 1.09
N VAL A 52 11.44 1.15 0.21
CA VAL A 52 10.01 1.42 0.40
C VAL A 52 9.23 0.12 0.28
N ILE A 53 8.20 -0.01 1.14
CA ILE A 53 7.31 -1.16 1.16
C ILE A 53 5.93 -0.66 0.77
N ASP A 54 5.35 -1.23 -0.28
CA ASP A 54 3.96 -0.96 -0.62
C ASP A 54 3.17 -2.15 -0.07
N ALA A 55 2.47 -1.94 1.04
CA ALA A 55 1.82 -3.05 1.75
C ALA A 55 0.49 -3.44 1.16
N HIS A 56 0.11 -2.91 0.00
CA HIS A 56 -1.24 -3.15 -0.51
C HIS A 56 -1.25 -3.04 -2.03
N VAL A 57 -1.01 -4.16 -2.71
CA VAL A 57 -1.12 -4.18 -4.17
C VAL A 57 -1.96 -5.37 -4.61
N HIS A 58 -2.41 -5.29 -5.86
CA HIS A 58 -3.15 -6.34 -6.54
C HIS A 58 -2.43 -6.61 -7.87
N PHE A 59 -1.66 -7.69 -7.95
CA PHE A 59 -0.87 -8.00 -9.14
C PHE A 59 -1.58 -8.98 -10.08
N ARG A 60 -2.84 -9.33 -9.80
CA ARG A 60 -3.78 -9.90 -10.77
C ARG A 60 -3.42 -11.32 -11.24
N TRP A 61 -2.83 -12.14 -10.36
CA TRP A 61 -2.68 -13.58 -10.65
C TRP A 61 -3.99 -14.19 -11.13
N GLY A 62 -3.93 -14.94 -12.24
CA GLY A 62 -5.11 -15.47 -12.89
C GLY A 62 -5.73 -14.55 -13.92
N GLU A 63 -5.35 -13.26 -13.92
CA GLU A 63 -5.88 -12.27 -14.86
C GLU A 63 -4.71 -11.50 -15.46
N GLU A 64 -3.78 -12.23 -16.08
CA GLU A 64 -2.48 -11.68 -16.40
C GLU A 64 -2.51 -10.63 -17.50
N LYS A 65 -3.63 -10.50 -18.21
CA LYS A 65 -3.75 -9.37 -19.13
C LYS A 65 -3.82 -8.04 -18.39
N LYS A 66 -4.23 -8.05 -17.12
CA LYS A 66 -4.34 -6.80 -16.36
C LYS A 66 -3.00 -6.39 -15.76
N GLU A 67 -2.22 -7.37 -15.35
CA GLU A 67 -0.94 -7.24 -14.66
C GLU A 67 -0.44 -8.64 -14.36
N ASP A 68 0.87 -8.83 -14.29
CA ASP A 68 1.39 -10.12 -13.82
C ASP A 68 2.57 -9.83 -12.89
N PHE A 69 3.25 -10.88 -12.41
CA PHE A 69 4.34 -10.65 -11.47
C PHE A 69 5.50 -9.90 -12.11
N LEU A 70 5.72 -10.08 -13.41
CA LEU A 70 6.82 -9.38 -14.05
C LEU A 70 6.50 -7.90 -14.23
N SER A 71 5.38 -7.59 -14.88
CA SER A 71 5.03 -6.19 -15.09
C SER A 71 4.82 -5.49 -13.75
N GLY A 72 4.21 -6.18 -12.78
CA GLY A 72 4.01 -5.58 -11.46
C GLY A 72 5.30 -5.24 -10.76
N SER A 73 6.28 -6.12 -10.82
CA SER A 73 7.54 -5.83 -10.15
C SER A 73 8.38 -4.81 -10.93
N LEU A 74 8.28 -4.77 -12.26
CA LEU A 74 8.93 -3.70 -13.02
C LEU A 74 8.30 -2.36 -12.69
N ALA A 75 6.99 -2.35 -12.50
CA ALA A 75 6.33 -1.15 -12.01
C ALA A 75 6.87 -0.75 -10.64
N GLY A 76 7.05 -1.74 -9.75
CA GLY A 76 7.59 -1.44 -8.42
C GLY A 76 8.97 -0.82 -8.50
N ILE A 77 9.86 -1.42 -9.29
CA ILE A 77 11.20 -0.87 -9.47
C ILE A 77 11.13 0.57 -9.96
N ASN A 78 10.28 0.80 -10.97
CA ASN A 78 10.10 2.14 -11.53
C ASN A 78 9.59 3.11 -10.47
N GLY A 79 8.75 2.63 -9.55
CA GLY A 79 8.25 3.48 -8.49
C GLY A 79 9.13 3.58 -7.27
N GLY A 80 10.31 2.96 -7.27
CA GLY A 80 11.15 2.99 -6.09
C GLY A 80 10.72 2.06 -4.97
N VAL A 81 9.90 1.06 -5.28
CA VAL A 81 9.32 0.18 -4.28
C VAL A 81 10.12 -1.11 -4.25
N CYS A 82 10.68 -1.44 -3.09
CA CYS A 82 11.50 -2.64 -2.95
C CYS A 82 10.73 -3.86 -2.49
N PHE A 83 9.62 -3.65 -1.78
CA PHE A 83 8.81 -4.75 -1.25
C PHE A 83 7.35 -4.43 -1.54
N ALA A 84 6.58 -5.45 -1.93
CA ALA A 84 5.15 -5.28 -2.12
C ALA A 84 4.44 -6.46 -1.48
N ILE A 85 3.23 -6.21 -0.96
CA ILE A 85 2.42 -7.27 -0.35
C ILE A 85 1.15 -7.40 -1.18
N ASP A 86 0.97 -8.57 -1.78
CA ASP A 86 -0.05 -8.81 -2.80
C ASP A 86 -1.27 -9.48 -2.19
N MET A 87 -2.45 -8.97 -2.53
CA MET A 87 -3.72 -9.39 -1.94
C MET A 87 -4.26 -10.68 -2.57
N PRO A 88 -5.12 -11.39 -1.87
CA PRO A 88 -5.56 -12.74 -2.32
C PRO A 88 -6.81 -12.76 -3.17
N ASN A 89 -7.35 -11.62 -3.61
CA ASN A 89 -8.60 -11.64 -4.38
C ASN A 89 -8.28 -11.88 -5.86
N ASN A 90 -7.82 -13.08 -6.14
CA ASN A 90 -7.45 -13.50 -7.48
C ASN A 90 -8.55 -14.36 -8.10
N LYS A 91 -8.31 -14.81 -9.34
CA LYS A 91 -9.17 -15.75 -10.05
C LYS A 91 -8.40 -17.03 -10.24
N PRO A 92 -8.57 -18.06 -9.38
CA PRO A 92 -9.46 -18.12 -8.20
C PRO A 92 -8.84 -17.44 -6.99
N PRO A 93 -9.65 -17.06 -6.00
CA PRO A 93 -9.12 -16.41 -4.81
C PRO A 93 -8.26 -17.36 -3.97
N ILE A 94 -7.30 -16.78 -3.28
CA ILE A 94 -6.34 -17.53 -2.47
C ILE A 94 -6.97 -17.86 -1.12
N THR A 95 -7.71 -18.97 -1.07
CA THR A 95 -8.42 -19.41 0.11
C THR A 95 -8.02 -20.79 0.59
N THR A 96 -7.13 -21.47 -0.14
CA THR A 96 -6.60 -22.77 0.30
C THR A 96 -5.08 -22.73 0.29
N LYS A 97 -4.49 -23.59 1.10
CA LYS A 97 -3.04 -23.66 1.18
C LYS A 97 -2.43 -24.03 -0.17
N GLU A 98 -3.07 -24.92 -0.92
CA GLU A 98 -2.50 -25.32 -2.20
C GLU A 98 -2.56 -24.19 -3.23
N LEU A 99 -3.66 -23.44 -3.26
CA LEU A 99 -3.71 -22.28 -4.15
C LEU A 99 -2.66 -21.24 -3.77
N PHE A 100 -2.41 -21.09 -2.46
CA PHE A 100 -1.41 -20.15 -1.99
C PHE A 100 -0.02 -20.51 -2.50
N TYR A 101 0.34 -21.79 -2.40
CA TYR A 101 1.68 -22.20 -2.80
C TYR A 101 1.81 -22.31 -4.31
N LYS A 102 0.72 -22.57 -5.03
CA LYS A 102 0.77 -22.51 -6.48
C LYS A 102 0.96 -21.06 -6.97
N LYS A 103 0.38 -20.07 -6.26
CA LYS A 103 0.61 -18.68 -6.61
C LYS A 103 2.01 -18.24 -6.18
N LEU A 104 2.46 -18.70 -5.01
CA LEU A 104 3.80 -18.40 -4.53
C LEU A 104 4.87 -18.88 -5.53
N GLU A 105 4.68 -20.05 -6.14
CA GLU A 105 5.66 -20.53 -7.11
C GLU A 105 5.71 -19.65 -8.35
N ASP A 106 4.54 -19.27 -8.89
CA ASP A 106 4.53 -18.36 -10.02
C ASP A 106 5.16 -17.03 -9.65
N CYS A 107 4.94 -16.57 -8.42
CA CYS A 107 5.54 -15.33 -7.95
C CYS A 107 7.07 -15.42 -7.94
N LYS A 108 7.61 -16.49 -7.35
CA LYS A 108 9.06 -16.69 -7.30
C LYS A 108 9.69 -16.74 -8.70
N LYS A 109 8.96 -17.24 -9.71
CA LYS A 109 9.55 -17.43 -11.04
C LYS A 109 9.89 -16.10 -11.71
N ASP A 110 9.06 -15.06 -11.54
CA ASP A 110 9.20 -13.87 -12.35
C ASP A 110 9.19 -12.54 -11.59
N SER A 111 8.99 -12.54 -10.28
CA SER A 111 8.98 -11.27 -9.58
C SER A 111 10.42 -10.73 -9.49
N LYS A 112 10.61 -9.47 -9.83
CA LYS A 112 11.91 -8.81 -9.74
C LYS A 112 12.07 -7.96 -8.48
N ILE A 113 11.02 -7.79 -7.68
CA ILE A 113 11.15 -7.18 -6.37
C ILE A 113 10.76 -8.20 -5.32
N ASN A 114 10.88 -7.83 -4.04
CA ASN A 114 10.49 -8.70 -2.94
C ASN A 114 8.98 -8.64 -2.77
N VAL A 115 8.29 -9.70 -3.14
CA VAL A 115 6.84 -9.78 -3.05
C VAL A 115 6.47 -10.79 -1.98
N PHE A 116 5.56 -10.39 -1.10
CA PHE A 116 4.95 -11.30 -0.14
C PHE A 116 3.46 -11.43 -0.45
N LEU A 117 2.88 -12.54 -0.01
CA LEU A 117 1.50 -12.86 -0.31
C LEU A 117 0.67 -12.85 0.96
N ASN A 118 -0.52 -12.29 0.88
CA ASN A 118 -1.50 -12.43 1.95
C ASN A 118 -2.45 -13.58 1.63
N PHE A 119 -3.06 -14.12 2.69
CA PHE A 119 -4.00 -15.21 2.59
C PHE A 119 -5.42 -14.70 2.70
N GLY A 120 -6.34 -15.29 1.96
CA GLY A 120 -7.72 -14.85 1.94
C GLY A 120 -8.56 -15.60 2.99
N VAL A 121 -9.23 -14.82 3.84
CA VAL A 121 -10.05 -15.39 4.93
C VAL A 121 -11.48 -15.61 4.43
N THR A 122 -12.02 -16.80 4.66
CA THR A 122 -13.44 -17.06 4.39
C THR A 122 -14.10 -17.52 5.68
N GLU A 123 -15.42 -17.68 5.63
CA GLU A 123 -16.12 -18.21 6.80
C GLU A 123 -15.76 -19.65 7.08
N ASN A 124 -15.16 -20.35 6.10
CA ASN A 124 -14.82 -21.77 6.20
C ASN A 124 -13.38 -22.04 6.58
N ASN A 125 -12.43 -21.15 6.24
CA ASN A 125 -11.02 -21.49 6.39
C ASN A 125 -10.34 -20.73 7.52
N TYR A 126 -11.09 -19.97 8.33
CA TYR A 126 -10.47 -18.89 9.09
C TYR A 126 -9.59 -19.38 10.23
N LEU A 127 -9.71 -20.63 10.67
CA LEU A 127 -8.80 -21.12 11.70
C LEU A 127 -7.48 -21.62 11.12
N GLY A 128 -7.41 -21.83 9.81
CA GLY A 128 -6.18 -22.34 9.22
C GLY A 128 -5.04 -21.35 9.31
N THR A 129 -3.81 -21.89 9.35
CA THR A 129 -2.60 -21.10 9.35
C THR A 129 -1.78 -21.40 8.12
N VAL A 130 -1.29 -20.36 7.46
CA VAL A 130 -0.39 -20.49 6.31
C VAL A 130 0.91 -19.80 6.71
N GLU A 131 1.97 -20.59 6.84
CA GLU A 131 3.18 -20.12 7.51
C GLU A 131 3.85 -18.98 6.75
N ASP A 132 3.76 -18.98 5.43
CA ASP A 132 4.45 -17.97 4.61
C ASP A 132 3.58 -16.77 4.28
N ALA A 133 2.34 -16.74 4.75
CA ALA A 133 1.48 -15.58 4.52
C ALA A 133 1.92 -14.45 5.44
N LYS A 134 1.96 -13.23 4.90
CA LYS A 134 2.28 -12.08 5.73
C LYS A 134 1.09 -11.69 6.60
N ALA A 135 -0.12 -11.72 6.04
CA ALA A 135 -1.28 -11.30 6.80
C ALA A 135 -2.50 -12.01 6.23
N TYR A 136 -3.60 -11.93 6.97
CA TYR A 136 -4.83 -12.58 6.56
C TYR A 136 -5.82 -11.49 6.19
N ILE A 138 -9.33 -9.86 5.22
CA ILE A 138 -10.78 -9.97 5.36
C ILE A 138 -11.47 -8.94 4.47
N PHE A 139 -12.35 -9.37 3.56
CA PHE A 139 -13.25 -8.45 2.86
C PHE A 139 -14.63 -8.48 3.54
N MET A 140 -15.13 -7.31 3.93
CA MET A 140 -16.47 -7.19 4.50
C MET A 140 -17.52 -6.99 3.43
N VAL A 141 -17.10 -6.85 2.16
CA VAL A 141 -17.99 -6.75 1.00
C VAL A 141 -17.47 -7.71 -0.06
N LYS A 142 -18.35 -8.04 -0.99
CA LYS A 142 -18.02 -8.93 -2.10
C LYS A 142 -16.74 -8.49 -2.81
N SER A 143 -15.81 -9.43 -2.99
CA SER A 143 -14.72 -9.24 -3.93
C SER A 143 -14.82 -10.28 -5.05
N VAL A 144 -14.26 -11.47 -4.84
CA VAL A 144 -14.36 -12.58 -5.79
C VAL A 144 -14.64 -13.86 -5.01
N GLY A 145 -15.37 -14.78 -5.65
CA GLY A 145 -15.60 -16.09 -5.06
C GLY A 145 -16.27 -16.03 -3.70
N ASP A 146 -15.78 -16.86 -2.77
CA ASP A 146 -16.23 -16.84 -1.38
C ASP A 146 -15.33 -15.96 -0.51
N LEU A 147 -14.52 -15.08 -1.12
CA LEU A 147 -13.65 -14.15 -0.40
C LEU A 147 -14.47 -12.93 -0.03
N PHE A 148 -15.14 -13.04 1.10
CA PHE A 148 -16.23 -12.17 1.50
C PHE A 148 -16.85 -12.75 2.76
N ILE A 149 -16.79 -12.01 3.86
CA ILE A 149 -17.42 -12.43 5.10
C ILE A 149 -18.84 -11.87 5.03
N GLU A 150 -19.79 -12.74 4.70
CA GLU A 150 -21.18 -12.29 4.53
C GLU A 150 -21.91 -12.19 5.86
N ASP A 151 -21.48 -12.96 6.86
CA ASP A 151 -22.16 -13.06 8.14
C ASP A 151 -21.28 -12.38 9.18
N TYR A 152 -21.61 -11.12 9.52
CA TYR A 152 -20.75 -10.37 10.44
C TYR A 152 -20.79 -10.90 11.86
N SER A 153 -21.75 -11.78 12.19
CA SER A 153 -21.77 -12.36 13.53
C SER A 153 -20.59 -13.29 13.76
N LYS A 154 -19.95 -13.76 12.69
CA LYS A 154 -18.77 -14.60 12.84
C LYS A 154 -17.48 -13.80 13.04
N LEU A 155 -17.55 -12.46 12.98
CA LEU A 155 -16.31 -11.66 13.07
C LEU A 155 -15.60 -11.86 14.39
N LYS A 156 -16.34 -12.00 15.49
CA LYS A 156 -15.68 -12.23 16.77
C LYS A 156 -14.84 -13.50 16.73
N ASP A 157 -15.39 -14.59 16.18
CA ASP A 157 -14.64 -15.84 16.10
C ASP A 157 -13.45 -15.73 15.15
N ILE A 158 -13.64 -15.06 14.02
CA ILE A 158 -12.55 -14.92 13.05
C ILE A 158 -11.40 -14.14 13.66
N LEU A 159 -11.70 -13.02 14.32
CA LEU A 159 -10.67 -12.11 14.84
C LEU A 159 -10.01 -12.62 16.11
N ASN A 160 -10.60 -13.61 16.78
CA ASN A 160 -10.10 -14.10 18.07
C ASN A 160 -8.96 -15.09 17.85
N GLN A 161 -7.85 -14.57 17.33
CA GLN A 161 -6.68 -15.37 16.99
C GLN A 161 -5.42 -14.51 17.07
N ASN A 162 -4.28 -15.15 17.29
CA ASN A 162 -3.00 -14.44 17.29
C ASN A 162 -2.51 -14.35 15.86
N LYS A 163 -3.12 -13.42 15.12
CA LYS A 163 -2.85 -13.27 13.70
C LYS A 163 -2.83 -11.79 13.36
N LEU A 164 -2.16 -11.48 12.25
CA LEU A 164 -2.20 -10.14 11.65
C LEU A 164 -3.30 -10.16 10.60
N PHE A 165 -4.35 -9.39 10.83
CA PHE A 165 -5.47 -9.28 9.92
C PHE A 165 -5.42 -7.93 9.22
N CYS A 166 -5.62 -7.94 7.91
CA CYS A 166 -5.90 -6.74 7.13
C CYS A 166 -7.39 -6.77 6.78
N ILE A 167 -8.04 -5.61 6.83
CA ILE A 167 -9.49 -5.57 6.64
C ILE A 167 -9.86 -4.53 5.61
N HIS A 168 -10.66 -4.93 4.64
CA HIS A 168 -11.31 -3.99 3.73
C HIS A 168 -12.67 -3.71 4.36
N ALA A 169 -12.83 -2.53 4.94
CA ALA A 169 -13.98 -2.21 5.80
C ALA A 169 -14.95 -1.31 5.06
N GLU A 170 -15.93 -1.94 4.41
CA GLU A 170 -17.13 -1.29 3.93
C GLU A 170 -18.29 -2.20 4.34
N HIS A 171 -19.41 -1.59 4.75
CA HIS A 171 -20.50 -2.34 5.36
C HIS A 171 -21.51 -2.76 4.29
N LYS A 172 -21.65 -4.08 4.11
CA LYS A 172 -22.50 -4.62 3.05
C LYS A 172 -23.95 -4.16 3.18
N ASP A 173 -24.43 -4.01 4.42
CA ASP A 173 -25.85 -3.72 4.62
C ASP A 173 -26.16 -2.27 4.33
N VAL A 174 -25.24 -1.35 4.68
CA VAL A 174 -25.39 0.05 4.32
C VAL A 174 -25.40 0.22 2.80
N ILE A 175 -24.49 -0.47 2.11
CA ILE A 175 -24.42 -0.36 0.66
C ILE A 175 -25.70 -0.88 0.02
N ASN A 176 -26.21 -2.03 0.49
CA ASN A 176 -27.47 -2.58 -0.03
C ASN A 176 -28.63 -1.62 0.18
N GLU A 177 -28.76 -1.07 1.39
CA GLU A 177 -29.75 -0.04 1.67
C GLU A 177 -29.66 1.10 0.65
N ASN A 178 -28.45 1.62 0.43
CA ASN A 178 -28.27 2.74 -0.48
C ASN A 178 -28.58 2.36 -1.92
N LEU A 179 -28.35 1.10 -2.29
CA LEU A 179 -28.64 0.67 -3.67
C LEU A 179 -30.13 0.70 -3.96
N LYS A 180 -30.98 0.65 -2.94
CA LYS A 180 -32.41 0.82 -3.14
C LYS A 180 -32.81 2.29 -3.20
N LYS A 181 -31.94 3.18 -2.77
CA LYS A 181 -32.25 4.61 -2.69
C LYS A 181 -31.72 5.42 -3.86
N TYR A 182 -30.58 5.05 -4.44
CA TYR A 182 -29.98 5.80 -5.53
C TYR A 182 -29.79 4.89 -6.74
N GLN A 183 -29.82 5.50 -7.91
CA GLN A 183 -29.45 4.86 -9.16
C GLN A 183 -28.03 5.26 -9.52
N LEU A 184 -27.28 4.32 -10.12
CA LEU A 184 -25.96 4.62 -10.70
C LEU A 184 -26.12 5.26 -12.07
N ASN A 185 -26.35 6.58 -12.08
CA ASN A 185 -26.38 7.34 -13.33
C ASN A 185 -25.01 7.93 -13.69
N SER A 186 -24.38 8.65 -12.77
CA SER A 186 -23.08 9.22 -13.10
C SER A 186 -22.06 8.87 -12.03
N TRP A 187 -20.86 9.44 -12.14
CA TRP A 187 -19.74 9.04 -11.30
C TRP A 187 -19.96 9.39 -9.84
N ILE A 188 -20.64 10.52 -9.56
CA ILE A 188 -20.88 10.91 -8.17
C ILE A 188 -21.76 9.89 -7.46
N ASP A 189 -22.61 9.16 -8.19
CA ASP A 189 -23.51 8.21 -7.53
C ASP A 189 -22.73 7.09 -6.88
N HIS A 190 -21.59 6.70 -7.45
CA HIS A 190 -20.74 5.72 -6.78
C HIS A 190 -20.37 6.18 -5.38
N CYS A 191 -20.09 7.49 -5.23
CA CYS A 191 -19.71 8.06 -3.94
C CYS A 191 -20.88 8.10 -2.96
N LYS A 192 -22.12 8.16 -3.49
CA LYS A 192 -23.31 8.19 -2.64
C LYS A 192 -23.76 6.80 -2.23
N ILE A 193 -23.52 5.80 -3.07
CA ILE A 193 -23.91 4.44 -2.73
C ILE A 193 -22.95 3.86 -1.69
N ARG A 194 -21.64 3.95 -1.95
CA ARG A 194 -20.66 3.53 -0.95
C ARG A 194 -20.22 4.75 -0.15
N ASP A 195 -21.16 5.24 0.66
CA ASP A 195 -20.99 6.54 1.30
C ASP A 195 -20.06 6.43 2.51
N GLU A 196 -19.83 7.56 3.18
CA GLU A 196 -18.91 7.56 4.31
C GLU A 196 -19.44 6.72 5.45
N LYS A 197 -20.76 6.68 5.63
CA LYS A 197 -21.34 5.85 6.67
C LYS A 197 -21.09 4.36 6.40
N SER A 198 -21.07 3.94 5.13
CA SER A 198 -20.76 2.53 4.85
C SER A 198 -19.36 2.15 5.33
N GLU A 199 -18.39 3.07 5.28
CA GLU A 199 -17.08 2.77 5.85
C GLU A 199 -17.13 2.83 7.38
N VAL A 200 -17.74 3.88 7.92
CA VAL A 200 -17.73 4.08 9.38
C VAL A 200 -18.42 2.90 10.08
N GLU A 201 -19.55 2.44 9.54
CA GLU A 201 -20.28 1.33 10.16
C GLU A 201 -19.50 0.03 10.10
N ALA A 202 -18.73 -0.20 9.03
CA ALA A 202 -17.88 -1.39 8.98
C ALA A 202 -16.80 -1.33 10.04
N VAL A 203 -16.17 -0.15 10.20
CA VAL A 203 -15.14 0.02 11.22
C VAL A 203 -15.72 -0.19 12.63
N LYS A 204 -16.90 0.40 12.89
CA LYS A 204 -17.61 0.17 14.15
C LYS A 204 -17.87 -1.31 14.41
N GLU A 205 -18.34 -2.02 13.38
CA GLU A 205 -18.58 -3.45 13.50
C GLU A 205 -17.34 -4.19 13.97
N VAL A 206 -16.19 -3.88 13.37
CA VAL A 206 -14.95 -4.56 13.77
C VAL A 206 -14.56 -4.18 15.19
N ILE A 207 -14.61 -2.89 15.51
CA ILE A 207 -14.20 -2.39 16.82
C ILE A 207 -15.04 -3.02 17.93
N LYS A 208 -16.35 -3.10 17.73
CA LYS A 208 -17.25 -3.71 18.70
C LYS A 208 -16.75 -5.10 19.08
N ASN A 209 -16.34 -5.88 18.06
CA ASN A 209 -15.84 -7.23 18.30
C ASN A 209 -14.46 -7.24 18.94
N LEU A 210 -13.62 -6.24 18.64
CA LEU A 210 -12.28 -6.21 19.24
C LEU A 210 -12.37 -5.93 20.73
N LYS A 211 -13.33 -5.09 21.14
CA LYS A 211 -13.51 -4.78 22.55
C LYS A 211 -13.85 -6.03 23.35
N ILE A 212 -14.72 -6.87 22.81
CA ILE A 212 -15.05 -8.15 23.44
C ILE A 212 -13.79 -8.98 23.60
N ILE A 213 -13.06 -9.18 22.50
CA ILE A 213 -11.85 -9.99 22.53
C ILE A 213 -10.85 -9.42 23.52
N ASP A 214 -10.71 -8.09 23.55
CA ASP A 214 -9.68 -7.48 24.39
C ASP A 214 -9.88 -7.84 25.86
N ARG A 215 -11.12 -8.04 26.27
CA ARG A 215 -11.40 -8.29 27.68
C ARG A 215 -11.74 -9.74 28.00
N GLN A 216 -12.37 -10.46 27.08
CA GLN A 216 -12.84 -11.81 27.32
C GLN A 216 -11.88 -12.88 26.83
N SER A 217 -10.77 -12.51 26.22
CA SER A 217 -9.92 -13.49 25.54
C SER A 217 -8.46 -13.26 25.92
N ASN A 218 -7.67 -14.31 25.71
CA ASN A 218 -6.23 -14.25 25.82
C ASN A 218 -5.55 -14.00 24.47
N LYS A 219 -6.28 -14.11 23.37
CA LYS A 219 -5.70 -13.87 22.05
C LYS A 219 -5.42 -12.39 21.85
N LYS A 220 -4.39 -12.11 21.05
CA LYS A 220 -3.90 -10.75 20.85
C LYS A 220 -3.78 -10.48 19.34
N PRO A 221 -4.90 -10.39 18.63
CA PRO A 221 -4.82 -10.08 17.20
C PRO A 221 -4.25 -8.69 16.98
N HIS A 222 -3.57 -8.53 15.85
CA HIS A 222 -3.19 -7.22 15.31
C HIS A 222 -4.13 -6.97 14.12
N VAL A 223 -4.84 -5.86 14.15
CA VAL A 223 -5.80 -5.53 13.11
C VAL A 223 -5.28 -4.32 12.36
N HIS A 224 -5.14 -4.47 11.05
CA HIS A 224 -4.67 -3.42 10.16
C HIS A 224 -5.86 -3.02 9.27
N PHE A 225 -6.29 -1.78 9.38
CA PHE A 225 -7.38 -1.29 8.53
C PHE A 225 -6.81 -0.80 7.20
N CYS A 226 -7.19 -1.42 6.10
CA CYS A 226 -6.78 -0.97 4.78
C CYS A 226 -7.51 0.31 4.36
N HIS A 227 -6.83 1.11 3.53
CA HIS A 227 -7.34 2.32 2.91
C HIS A 227 -8.48 2.95 3.71
N ILE A 228 -8.15 3.50 4.87
CA ILE A 228 -9.13 4.29 5.60
C ILE A 228 -9.27 5.63 4.89
N SER A 229 -10.51 6.06 4.66
CA SER A 229 -10.72 7.24 3.83
C SER A 229 -11.54 8.33 4.48
N THR A 230 -12.09 8.11 5.67
CA THR A 230 -13.02 9.07 6.27
C THR A 230 -12.48 9.62 7.57
N LYS A 231 -12.81 10.89 7.82
CA LYS A 231 -12.44 11.51 9.09
C LYS A 231 -13.11 10.82 10.27
N GLU A 232 -14.35 10.31 10.10
CA GLU A 232 -15.02 9.70 11.24
C GLU A 232 -14.41 8.35 11.61
N ALA A 233 -14.05 7.53 10.61
CA ALA A 233 -13.40 6.27 10.92
C ALA A 233 -12.05 6.49 11.60
N LEU A 234 -11.28 7.47 11.12
CA LEU A 234 -10.02 7.78 11.78
C LEU A 234 -10.24 8.19 13.23
N TYR A 235 -11.27 8.99 13.48
CA TYR A 235 -11.58 9.40 14.85
C TYR A 235 -11.92 8.21 15.73
N LEU A 236 -12.82 7.34 15.26
CA LEU A 236 -13.18 6.14 16.01
C LEU A 236 -11.97 5.27 16.31
N ILE A 237 -11.07 5.11 15.33
CA ILE A 237 -9.90 4.28 15.59
C ILE A 237 -8.98 4.94 16.61
N LYS A 238 -8.79 6.26 16.49
CA LYS A 238 -8.04 7.00 17.48
C LYS A 238 -8.63 6.79 18.89
N LYS A 239 -9.95 6.93 19.02
CA LYS A 239 -10.60 6.72 20.32
C LYS A 239 -10.37 5.31 20.85
N VAL A 240 -10.65 4.29 20.04
CA VAL A 240 -10.64 2.93 20.59
C VAL A 240 -9.23 2.48 20.92
N ARG A 241 -8.21 3.06 20.26
CA ARG A 241 -6.83 2.77 20.62
C ARG A 241 -6.52 3.14 22.06
N GLN A 242 -7.24 4.12 22.59
CA GLN A 242 -7.06 4.53 23.99
C GLN A 242 -7.69 3.54 24.96
N GLU A 243 -8.58 2.68 24.48
CA GLU A 243 -9.33 1.78 25.36
C GLU A 243 -8.84 0.34 25.33
N LEU A 244 -8.13 -0.06 24.29
CA LEU A 244 -7.69 -1.44 24.12
C LEU A 244 -6.34 -1.64 24.78
N LYS A 245 -6.18 -2.75 25.50
CA LYS A 245 -4.96 -3.06 26.20
C LYS A 245 -4.10 -4.11 25.52
N ASN A 246 -4.71 -5.07 24.84
CA ASN A 246 -4.00 -6.21 24.29
C ASN A 246 -3.96 -6.24 22.77
N ILE A 247 -4.83 -5.49 22.11
CA ILE A 247 -4.98 -5.54 20.66
C ILE A 247 -4.36 -4.28 20.05
N LYS A 248 -3.46 -4.47 19.08
CA LYS A 248 -2.87 -3.38 18.33
C LYS A 248 -3.68 -3.13 17.06
N ILE A 249 -3.90 -1.85 16.74
CA ILE A 249 -4.61 -1.46 15.53
C ILE A 249 -3.71 -0.54 14.73
N THR A 250 -3.55 -0.82 13.44
CA THR A 250 -2.82 0.09 12.57
C THR A 250 -3.72 0.53 11.43
N VAL A 251 -3.36 1.66 10.83
CA VAL A 251 -4.21 2.35 9.85
C VAL A 251 -3.35 2.62 8.62
N GLU A 252 -3.89 2.31 7.43
CA GLU A 252 -3.21 2.71 6.21
C GLU A 252 -4.12 3.65 5.42
N VAL A 253 -3.52 4.56 4.66
CA VAL A 253 -4.26 5.41 3.75
C VAL A 253 -3.58 5.34 2.39
N THR A 254 -4.30 5.75 1.35
CA THR A 254 -3.79 5.73 -0.01
C THR A 254 -3.48 7.13 -0.52
N PRO A 255 -2.63 7.27 -1.55
CA PRO A 255 -2.45 8.59 -2.16
C PRO A 255 -3.73 9.18 -2.74
N HIS A 256 -4.60 8.35 -3.34
CA HIS A 256 -5.78 8.92 -3.96
C HIS A 256 -6.78 9.42 -2.93
N HIS A 257 -6.82 8.79 -1.75
CA HIS A 257 -7.71 9.32 -0.71
C HIS A 257 -7.14 10.54 -0.02
N ILE A 258 -5.85 10.83 -0.19
CA ILE A 258 -5.26 12.07 0.34
C ILE A 258 -5.47 13.23 -0.63
N TYR A 259 -5.37 12.97 -1.93
CA TYR A 259 -5.30 14.01 -2.94
C TYR A 259 -6.61 14.30 -3.63
N LEU A 260 -7.49 13.32 -3.77
CA LEU A 260 -8.66 13.44 -4.61
C LEU A 260 -9.91 13.48 -3.74
N ASN A 261 -10.95 14.15 -4.23
CA ASN A 261 -12.21 14.29 -3.49
C ASN A 261 -13.36 14.28 -4.47
N LYS A 262 -14.58 14.12 -3.94
CA LYS A 262 -15.71 13.82 -4.82
C LYS A 262 -16.14 15.00 -5.67
N ASP A 263 -15.68 16.22 -5.38
CA ASP A 263 -15.93 17.33 -6.30
C ASP A 263 -15.27 17.10 -7.66
N MET A 264 -14.30 16.19 -7.72
CA MET A 264 -13.61 15.82 -8.93
C MET A 264 -14.24 14.61 -9.63
N ALA A 265 -15.30 14.02 -9.07
CA ALA A 265 -15.77 12.72 -9.55
C ALA A 265 -16.13 12.75 -11.03
N GLU A 266 -16.85 13.78 -11.48
CA GLU A 266 -17.34 13.78 -12.85
C GLU A 266 -16.22 14.06 -13.85
N GLU A 267 -15.19 14.78 -13.42
CA GLU A 267 -14.02 15.02 -14.27
C GLU A 267 -13.11 13.80 -14.32
N LEU A 268 -13.01 13.05 -13.23
CA LEU A 268 -12.10 11.89 -13.21
C LEU A 268 -12.70 10.69 -13.93
N LYS A 269 -14.02 10.59 -13.95
CA LYS A 269 -14.72 9.46 -14.54
C LYS A 269 -14.17 8.14 -13.99
N GLY A 270 -13.94 7.15 -14.86
CA GLY A 270 -13.45 5.85 -14.42
C GLY A 270 -12.17 5.93 -13.62
N PHE A 271 -11.34 6.94 -13.89
CA PHE A 271 -10.06 7.09 -13.20
C PHE A 271 -10.22 7.57 -11.77
N GLY A 272 -11.42 8.00 -11.39
CA GLY A 272 -11.72 8.32 -10.01
C GLY A 272 -12.59 7.31 -9.31
N LYS A 273 -12.90 6.18 -9.96
CA LYS A 273 -13.81 5.20 -9.38
C LYS A 273 -12.97 4.12 -8.71
N PHE A 274 -13.04 4.07 -7.39
CA PHE A 274 -12.35 3.05 -6.62
C PHE A 274 -13.14 2.82 -5.35
N ASN A 275 -12.75 1.78 -4.61
CA ASN A 275 -13.43 1.43 -3.38
C ASN A 275 -12.43 1.47 -2.24
N PRO A 276 -12.71 2.17 -1.13
CA PRO A 276 -13.84 3.09 -0.93
C PRO A 276 -13.71 4.29 -1.87
N PRO A 277 -14.81 4.94 -2.20
CA PRO A 277 -14.79 6.00 -3.22
C PRO A 277 -14.20 7.31 -2.70
N LEU A 278 -14.19 8.29 -3.60
CA LEU A 278 -13.84 9.67 -3.30
C LEU A 278 -14.68 10.21 -2.15
N ARG A 279 -14.02 10.93 -1.23
CA ARG A 279 -14.67 11.54 -0.08
C ARG A 279 -14.64 13.07 -0.23
N GLU A 280 -14.80 13.77 0.88
CA GLU A 280 -14.82 15.24 0.90
C GLU A 280 -13.42 15.79 1.11
N LYS A 281 -13.22 17.06 0.75
CA LYS A 281 -11.93 17.71 1.04
C LYS A 281 -11.59 17.63 2.52
N ASP A 282 -12.60 17.74 3.40
CA ASP A 282 -12.35 17.62 4.84
C ASP A 282 -11.76 16.27 5.21
N ASP A 283 -12.12 15.21 4.48
CA ASP A 283 -11.48 13.92 4.74
C ASP A 283 -10.03 13.91 4.27
N ASN A 284 -9.74 14.50 3.10
CA ASN A 284 -8.34 14.64 2.67
C ASN A 284 -7.51 15.27 3.78
N ILE A 285 -8.00 16.38 4.35
CA ILE A 285 -7.26 17.12 5.36
C ILE A 285 -7.06 16.27 6.60
N ALA A 286 -8.12 15.56 7.03
CA ALA A 286 -8.01 14.75 8.24
C ALA A 286 -6.94 13.67 8.08
N LEU A 287 -6.86 13.07 6.90
CA LEU A 287 -5.86 12.01 6.69
C LEU A 287 -4.44 12.58 6.72
N ILE A 288 -4.24 13.76 6.13
CA ILE A 288 -2.90 14.37 6.18
C ILE A 288 -2.54 14.71 7.62
N LYS A 289 -3.47 15.34 8.35
CA LYS A 289 -3.21 15.62 9.75
C LYS A 289 -2.97 14.34 10.54
N GLY A 290 -3.66 13.25 10.15
CA GLY A 290 -3.46 11.99 10.84
C GLY A 290 -2.06 11.42 10.66
N ILE A 291 -1.43 11.70 9.52
CA ILE A 291 -0.03 11.32 9.33
C ILE A 291 0.86 12.14 10.27
N VAL A 292 0.67 13.46 10.29
CA VAL A 292 1.48 14.34 11.13
C VAL A 292 1.31 13.98 12.61
N ASN A 293 0.08 13.68 13.05
CA ASN A 293 -0.18 13.31 14.43
C ASN A 293 0.13 11.85 14.75
N LYS A 294 0.58 11.07 13.77
CA LYS A 294 0.93 9.66 13.93
C LYS A 294 -0.27 8.78 14.23
N ASP A 295 -1.48 9.23 13.88
CA ASP A 295 -2.65 8.35 13.89
C ASP A 295 -2.68 7.44 12.67
N VAL A 296 -2.14 7.90 11.54
CA VAL A 296 -2.04 7.10 10.33
C VAL A 296 -0.68 6.45 10.33
N ASP A 297 -0.64 5.14 10.20
CA ASP A 297 0.64 4.45 10.32
C ASP A 297 1.39 4.34 9.00
N ILE A 298 0.70 4.05 7.89
CA ILE A 298 1.38 3.81 6.63
C ILE A 298 0.55 4.37 5.49
N ILE A 299 1.23 4.58 4.36
CA ILE A 299 0.59 4.85 3.08
C ILE A 299 0.85 3.63 2.22
N ALA A 300 -0.19 3.15 1.55
CA ALA A 300 -0.07 2.04 0.60
C ALA A 300 -0.90 2.40 -0.62
N SER A 301 -0.60 1.78 -1.76
CA SER A 301 -1.23 2.28 -2.99
C SER A 301 -2.60 1.72 -3.27
N ASP A 302 -2.88 0.48 -2.83
CA ASP A 302 -4.01 -0.28 -3.37
C ASP A 302 -3.92 -0.34 -4.89
N HIS A 303 -2.71 -0.58 -5.40
CA HIS A 303 -2.47 -0.74 -6.83
C HIS A 303 -3.46 -1.77 -7.40
N ALA A 304 -4.39 -1.33 -8.23
CA ALA A 304 -5.48 -2.19 -8.70
C ALA A 304 -5.64 -2.01 -10.21
N PRO A 305 -4.74 -2.61 -11.00
CA PRO A 305 -4.81 -2.42 -12.45
C PRO A 305 -6.00 -3.12 -13.06
N HIS A 306 -6.62 -2.45 -14.04
CA HIS A 306 -7.63 -3.04 -14.89
C HIS A 306 -7.24 -2.71 -16.33
N LEU A 307 -7.95 -3.32 -17.28
CA LEU A 307 -7.76 -2.92 -18.68
C LEU A 307 -8.25 -1.49 -18.88
N LEU A 308 -7.49 -0.71 -19.66
CA LEU A 308 -7.95 0.63 -20.03
C LEU A 308 -9.32 0.58 -20.67
N GLU A 309 -9.55 -0.41 -21.53
CA GLU A 309 -10.82 -0.59 -22.22
C GLU A 309 -12.00 -0.57 -21.24
N ASP A 310 -11.87 -1.31 -20.14
CA ASP A 310 -12.95 -1.36 -19.15
C ASP A 310 -13.04 -0.08 -18.31
N LYS A 311 -11.89 0.55 -18.03
CA LYS A 311 -11.94 1.78 -17.23
C LYS A 311 -12.54 2.95 -18.00
N LEU A 312 -12.71 2.83 -19.33
CA LEU A 312 -13.35 3.89 -20.12
C LEU A 312 -14.85 3.70 -20.27
N LYS A 313 -15.41 2.63 -19.71
CA LYS A 313 -16.86 2.43 -19.75
C LYS A 313 -17.57 3.40 -18.79
N ASN A 314 -18.90 3.41 -18.87
CA ASN A 314 -19.72 4.23 -17.98
C ASN A 314 -19.73 3.64 -16.56
N VAL A 315 -20.26 4.43 -15.61
CA VAL A 315 -20.09 4.12 -14.19
C VAL A 315 -20.61 2.73 -13.84
N LYS A 316 -21.69 2.28 -14.49
CA LYS A 316 -22.25 0.96 -14.15
C LYS A 316 -21.28 -0.15 -14.51
N ASN A 317 -20.58 -0.02 -15.65
CA ASN A 317 -19.77 -1.10 -16.17
C ASN A 317 -18.29 -0.94 -15.83
N CYS A 318 -17.90 0.20 -15.30
CA CYS A 318 -16.50 0.50 -15.05
C CYS A 318 -16.03 -0.16 -13.77
N PRO A 319 -15.00 -1.00 -13.80
CA PRO A 319 -14.50 -1.61 -12.55
C PRO A 319 -13.86 -0.57 -11.65
N SER A 320 -13.90 -0.86 -10.36
CA SER A 320 -13.29 0.01 -9.36
C SER A 320 -11.81 -0.31 -9.24
N GLY A 321 -11.00 0.74 -9.11
CA GLY A 321 -9.58 0.54 -8.85
C GLY A 321 -8.71 1.29 -9.83
N ILE A 322 -7.59 1.82 -9.36
CA ILE A 322 -6.61 2.46 -10.24
C ILE A 322 -5.24 1.89 -9.95
N PRO A 323 -4.32 1.97 -10.90
CA PRO A 323 -2.94 1.63 -10.58
C PRO A 323 -2.32 2.75 -9.73
N GLY A 324 -1.35 2.38 -8.92
CA GLY A 324 -0.75 3.38 -8.06
C GLY A 324 0.65 3.07 -7.55
N ILE A 325 1.22 1.92 -7.91
CA ILE A 325 2.54 1.61 -7.35
C ILE A 325 3.62 2.52 -7.92
N GLU A 326 3.39 3.11 -9.09
CA GLU A 326 4.41 3.96 -9.67
C GLU A 326 4.25 5.42 -9.27
N THR A 327 3.15 5.77 -8.59
CA THR A 327 2.95 7.15 -8.16
C THR A 327 2.98 7.32 -6.65
N ILE A 328 3.03 6.23 -5.88
CA ILE A 328 2.91 6.38 -4.43
C ILE A 328 4.10 7.15 -3.86
N VAL A 329 5.32 6.86 -4.33
CA VAL A 329 6.48 7.54 -3.75
C VAL A 329 6.52 9.02 -4.18
N PRO A 330 6.41 9.35 -5.47
CA PRO A 330 6.40 10.79 -5.82
C PRO A 330 5.26 11.56 -5.18
N LEU A 331 4.06 10.98 -5.09
CA LEU A 331 2.96 11.73 -4.47
C LEU A 331 3.21 11.94 -2.99
N THR A 332 3.85 10.98 -2.33
CA THR A 332 4.15 11.19 -0.91
C THR A 332 5.25 12.23 -0.72
N LEU A 333 6.33 12.12 -1.51
CA LEU A 333 7.39 13.12 -1.43
C LEU A 333 6.87 14.50 -1.76
N ASN A 334 5.90 14.57 -2.67
CA ASN A 334 5.33 15.86 -3.03
C ASN A 334 4.70 16.55 -1.81
N LEU A 335 4.11 15.75 -0.91
CA LEU A 335 3.55 16.33 0.32
C LEU A 335 4.64 16.96 1.16
N VAL A 336 5.83 16.34 1.20
CA VAL A 336 6.97 16.90 1.92
C VAL A 336 7.32 18.27 1.35
N ASN A 337 7.46 18.33 0.02
CA ASN A 337 7.85 19.58 -0.62
C ASN A 337 6.78 20.66 -0.51
N LYS A 338 5.52 20.28 -0.40
CA LYS A 338 4.49 21.29 -0.17
C LYS A 338 4.33 21.66 1.30
N GLY A 339 5.16 21.09 2.18
CA GLY A 339 5.13 21.45 3.59
C GLY A 339 3.97 20.88 4.37
N LEU A 340 3.31 19.83 3.87
CA LEU A 340 2.17 19.26 4.57
C LEU A 340 2.58 18.16 5.54
N ILE A 341 3.66 17.44 5.23
CA ILE A 341 4.24 16.47 6.16
C ILE A 341 5.75 16.67 6.13
N SER A 342 6.41 16.13 7.13
CA SER A 342 7.86 16.29 7.16
C SER A 342 8.51 15.13 6.40
N LEU A 343 9.78 15.32 6.08
CA LEU A 343 10.54 14.25 5.43
C LEU A 343 10.55 12.99 6.27
N PHE A 344 10.68 13.12 7.59
CA PHE A 344 10.67 11.94 8.43
C PHE A 344 9.29 11.31 8.52
N ASP A 345 8.22 12.09 8.43
CA ASP A 345 6.88 11.50 8.28
C ASP A 345 6.81 10.62 7.06
N ALA A 346 7.30 11.13 5.92
CA ALA A 346 7.30 10.36 4.68
C ALA A 346 8.03 9.05 4.86
N ILE A 347 9.25 9.10 5.44
CA ILE A 347 10.02 7.88 5.68
C ILE A 347 9.25 6.93 6.58
N ARG A 348 8.59 7.47 7.59
CA ARG A 348 7.90 6.61 8.55
C ARG A 348 6.78 5.83 7.88
N VAL A 349 5.97 6.49 7.05
CA VAL A 349 4.78 5.82 6.50
C VAL A 349 5.08 4.99 5.25
N LEU A 350 6.20 5.26 4.56
CA LEU A 350 6.59 4.47 3.40
C LEU A 350 7.54 3.34 3.72
N SER A 351 8.29 3.43 4.80
CA SER A 351 9.42 2.53 4.92
C SER A 351 9.53 1.96 6.34
N LYS A 352 9.52 2.82 7.35
CA LYS A 352 9.80 2.33 8.70
C LYS A 352 8.58 1.67 9.33
N ASN A 353 7.40 2.30 9.24
CA ASN A 353 6.24 1.66 9.84
C ASN A 353 5.79 0.41 9.09
N PRO A 354 5.76 0.39 7.74
CA PRO A 354 5.43 -0.88 7.07
C PRO A 354 6.38 -1.99 7.45
N ALA A 355 7.67 -1.66 7.67
CA ALA A 355 8.64 -2.69 8.04
C ALA A 355 8.36 -3.26 9.42
N LYS A 356 8.03 -2.41 10.40
CA LYS A 356 7.66 -2.89 11.73
C LYS A 356 6.38 -3.73 11.68
N ILE A 357 5.35 -3.22 11.01
CA ILE A 357 4.04 -3.86 11.06
C ILE A 357 4.09 -5.25 10.43
N PHE A 358 4.71 -5.35 9.25
CA PHE A 358 4.69 -6.60 8.51
C PHE A 358 5.97 -7.41 8.66
N ASN A 359 6.86 -7.03 9.58
CA ASN A 359 8.04 -7.82 9.92
C ASN A 359 8.94 -8.00 8.69
N ILE A 360 9.32 -6.88 8.09
CA ILE A 360 10.18 -6.85 6.92
C ILE A 360 11.44 -6.10 7.31
N ASN A 361 12.61 -6.72 7.12
CA ASN A 361 13.87 -6.07 7.49
C ASN A 361 14.44 -5.36 6.27
N ASN A 362 14.13 -4.07 6.15
CA ASN A 362 14.70 -3.23 5.11
C ASN A 362 15.79 -2.29 5.65
N LYS A 363 16.26 -2.52 6.88
CA LYS A 363 17.21 -1.60 7.50
C LYS A 363 18.50 -1.46 6.71
N ILE A 364 19.01 -0.24 6.64
CA ILE A 364 20.33 0.04 6.10
C ILE A 364 21.35 -0.22 7.21
N GLU A 365 21.70 -1.48 7.42
CA GLU A 365 22.66 -1.87 8.43
C GLU A 365 23.64 -2.86 7.83
N GLU A 366 24.86 -2.83 8.33
CA GLU A 366 25.88 -3.73 7.83
C GLU A 366 25.45 -5.17 8.07
N GLY A 367 25.66 -6.03 7.07
CA GLY A 367 25.23 -7.42 7.14
C GLY A 367 23.86 -7.69 6.56
N ASN A 368 23.02 -6.68 6.40
CA ASN A 368 21.67 -6.87 5.87
C ASN A 368 21.70 -6.85 4.35
N LEU A 369 20.77 -7.57 3.72
CA LEU A 369 20.56 -7.41 2.29
C LEU A 369 20.25 -5.95 1.97
N ALA A 370 20.75 -5.48 0.84
CA ALA A 370 20.64 -4.08 0.48
C ALA A 370 19.33 -3.89 -0.29
N ASN A 371 18.34 -3.28 0.37
CA ASN A 371 17.07 -2.96 -0.27
C ASN A 371 16.87 -1.49 0.02
N LEU A 372 17.11 -0.69 -1.00
CA LEU A 372 17.26 0.75 -0.83
C LEU A 372 16.41 1.46 -1.85
N THR A 373 15.84 2.58 -1.44
CA THR A 373 15.19 3.51 -2.35
C THR A 373 16.03 4.77 -2.35
N ILE A 374 16.45 5.21 -3.52
CA ILE A 374 17.31 6.39 -3.63
C ILE A 374 16.48 7.47 -4.33
N ILE A 375 16.32 8.60 -3.66
CA ILE A 375 15.40 9.62 -4.13
C ILE A 375 16.15 10.92 -4.34
N ASP A 376 15.68 11.66 -5.33
CA ASP A 376 16.02 13.07 -5.52
C ASP A 376 14.81 13.87 -5.02
N LEU A 377 14.94 14.40 -3.80
CA LEU A 377 13.82 15.02 -3.11
C LEU A 377 13.30 16.25 -3.84
N LYS A 378 14.17 16.96 -4.55
CA LYS A 378 13.77 18.26 -5.09
C LYS A 378 13.48 18.22 -6.58
N LYS A 379 13.71 17.10 -7.25
CA LYS A 379 13.42 16.99 -8.67
C LYS A 379 11.97 17.28 -8.96
N GLU A 380 11.74 18.27 -9.80
CA GLU A 380 10.41 18.61 -10.29
C GLU A 380 10.18 17.88 -11.61
N GLY A 381 8.96 17.42 -11.82
CA GLY A 381 8.70 16.65 -13.02
C GLY A 381 7.23 16.30 -13.11
N LYS A 382 6.82 15.91 -14.30
CA LYS A 382 5.42 15.53 -14.51
C LYS A 382 5.29 14.03 -14.41
N ILE A 383 4.20 13.58 -13.79
CA ILE A 383 3.80 12.18 -13.88
C ILE A 383 3.26 11.93 -15.28
N ASN A 384 3.78 10.89 -15.92
CA ASN A 384 3.48 10.59 -17.32
C ASN A 384 3.18 9.10 -17.40
N ALA A 385 1.91 8.76 -17.52
CA ALA A 385 1.49 7.35 -17.47
C ALA A 385 2.02 6.54 -18.64
N GLU A 386 2.41 7.18 -19.75
CA GLU A 386 3.06 6.44 -20.83
C GLU A 386 4.38 5.85 -20.40
N LEU A 387 5.04 6.43 -19.40
CA LEU A 387 6.29 5.91 -18.88
C LEU A 387 6.10 4.86 -17.78
N PHE A 388 4.85 4.48 -17.46
CA PHE A 388 4.60 3.42 -16.49
C PHE A 388 5.06 2.08 -17.04
N LYS A 389 5.61 1.22 -16.17
CA LYS A 389 5.92 -0.15 -16.56
C LYS A 389 4.77 -1.09 -16.28
N SER A 390 3.81 -0.69 -15.44
CA SER A 390 2.60 -1.48 -15.27
C SER A 390 1.93 -1.66 -16.63
N LYS A 391 1.20 -2.76 -16.77
CA LYS A 391 0.32 -2.92 -17.93
C LYS A 391 -0.76 -1.86 -17.96
N ALA A 392 -1.12 -1.29 -16.81
CA ALA A 392 -2.15 -0.27 -16.71
C ALA A 392 -1.47 1.08 -16.85
N LYS A 393 -1.45 1.60 -18.08
CA LYS A 393 -0.70 2.82 -18.38
C LYS A 393 -1.65 4.02 -18.39
N PHE A 394 -2.27 4.25 -17.24
CA PHE A 394 -3.20 5.36 -17.09
C PHE A 394 -3.23 5.72 -15.61
N SER A 395 -3.69 6.93 -15.32
CA SER A 395 -3.74 7.33 -13.92
C SER A 395 -4.55 8.61 -13.76
N PRO A 396 -5.27 8.80 -12.66
CA PRO A 396 -5.86 10.11 -12.40
C PRO A 396 -4.80 11.17 -12.17
N PHE A 397 -3.56 10.78 -11.87
CA PHE A 397 -2.48 11.74 -11.66
C PHE A 397 -1.69 12.04 -12.93
N ASP A 398 -2.09 11.48 -14.06
CA ASP A 398 -1.40 11.69 -15.33
C ASP A 398 -1.31 13.18 -15.63
N GLY A 399 -0.10 13.65 -15.92
CA GLY A 399 0.10 15.05 -16.23
C GLY A 399 0.30 15.96 -15.03
N TRP A 400 0.27 15.43 -13.81
CA TRP A 400 0.49 16.25 -12.63
C TRP A 400 1.96 16.54 -12.50
N GLU A 401 2.27 17.79 -12.17
CA GLU A 401 3.63 18.18 -11.88
C GLU A 401 3.83 18.07 -10.38
N VAL A 402 4.81 17.28 -9.98
CA VAL A 402 5.09 17.06 -8.57
C VAL A 402 6.59 17.23 -8.35
N LYS A 403 6.98 17.27 -7.09
CA LYS A 403 8.38 17.45 -6.73
C LYS A 403 8.79 16.29 -5.84
N GLY A 404 9.79 15.53 -6.27
CA GLY A 404 10.36 14.43 -5.52
C GLY A 404 10.16 13.10 -6.21
N PHE A 405 11.25 12.43 -6.61
CA PHE A 405 11.15 11.21 -7.38
C PHE A 405 12.18 10.21 -6.90
N PRO A 406 11.86 8.93 -6.97
CA PRO A 406 12.92 7.93 -6.84
C PRO A 406 13.76 7.95 -8.11
N ILE A 407 15.08 7.83 -7.95
CA ILE A 407 15.96 7.76 -9.10
C ILE A 407 16.57 6.38 -9.27
N TYR A 408 16.84 5.67 -8.18
CA TYR A 408 17.31 4.29 -8.21
C TYR A 408 16.56 3.46 -7.19
N THR A 409 16.42 2.17 -7.52
CA THR A 409 15.86 1.14 -6.66
C THR A 409 16.88 0.03 -6.56
N VAL A 410 17.25 -0.34 -5.34
CA VAL A 410 18.21 -1.43 -5.13
C VAL A 410 17.47 -2.60 -4.52
N ILE A 411 17.43 -3.73 -5.22
CA ILE A 411 16.70 -4.92 -4.82
C ILE A 411 17.74 -5.98 -4.47
N ASN A 412 17.90 -6.27 -3.17
CA ASN A 412 18.85 -7.27 -2.71
C ASN A 412 20.23 -7.07 -3.34
N GLY A 413 20.66 -5.81 -3.41
CA GLY A 413 21.97 -5.47 -3.91
C GLY A 413 22.03 -5.07 -5.37
N THR A 414 21.00 -5.40 -6.16
CA THR A 414 20.99 -5.09 -7.59
C THR A 414 20.43 -3.69 -7.83
N LEU A 415 21.21 -2.87 -8.53
CA LEU A 415 20.86 -1.48 -8.81
C LEU A 415 20.01 -1.38 -10.05
N TYR A 416 18.87 -0.69 -9.95
CA TYR A 416 18.03 -0.39 -11.10
C TYR A 416 17.78 1.10 -11.18
N GLU A 417 17.55 1.59 -12.40
CA GLU A 417 17.06 2.96 -12.55
C GLU A 417 15.57 3.00 -12.25
N ALA A 418 15.13 4.07 -11.60
CA ALA A 418 13.73 4.28 -11.31
C ALA A 418 13.20 5.42 -12.17
N TYR A 419 11.90 5.72 -12.00
CA TYR A 419 11.20 6.70 -12.84
C TYR A 419 11.98 7.99 -13.01
N GLY A 420 12.58 8.49 -11.93
CA GLY A 420 13.19 9.81 -11.94
C GLY A 420 14.50 9.90 -12.70
N CYS A 421 15.15 8.76 -12.98
CA CYS A 421 16.42 8.78 -13.70
C CYS A 421 16.21 8.67 -15.21
N LYS A 422 15.19 9.39 -15.68
CA LYS A 422 14.76 9.46 -17.07
C LYS A 422 13.66 10.53 -17.15
N CYS A 423 13.72 11.48 -16.21
CA CYS A 423 12.72 12.52 -16.06
C CYS A 423 13.36 13.91 -16.03
#